data_4GQQ
#
_entry.id   4GQQ
#
_cell.length_a   52.06
_cell.length_b   68.12
_cell.length_c   125.91
_cell.angle_alpha   90.00
_cell.angle_beta   90.00
_cell.angle_gamma   90.00
#
_symmetry.space_group_name_H-M   'P 21 21 21'
#
loop_
_entity.id
_entity.type
_entity.pdbx_description
1 polymer 'Pancreatic alpha-amylase'
2 non-polymer 2-acetamido-2-deoxy-beta-D-glucopyranose
3 non-polymer 'ethyl (2E)-3-(3,4-dihydroxyphenyl)prop-2-enoate'
4 non-polymer 'CHLORIDE ION'
5 non-polymer 'CALCIUM ION'
6 water water
#
_entity_poly.entity_id   1
_entity_poly.type   'polypeptide(L)'
_entity_poly.pdbx_seq_one_letter_code
;(PCA)YSPNTQQGRTSIVHLFEWRWVDIALECERYLAPKGFGGVQVSPPNENVAIYNPFRPWWERYQPVSYKLCTRSGNE
DEFRNMVTRCNNVGVRIYVDAVINHMCGNAVSAGTSSTCGSYFNPGSRDFPAVPYSGWDFNDGKCKTGSGDIENYNDATQ
VRDCRLTGLLDLALEKDYVRSKIAEYMNHLIDIGVAGFRLDASKHMWPGDIKAILDKLHNLNSNWFPAGSKPFIYQEVID
LGGEPIKSSDYFGNGRVTEFKYGAKLGTVIRKWNGEKMSYLKNWGEGWGFVPSDRALVFVDNHDNQRGHGAGGASILTFW
DARLYKMAVGFMLAHPYGFTRVMSSYRWPRQFQNGNDVNDWVGPPNNNGVIKEVTINPDTTCGNDWVCEHRWRQIRNMVI
FRNVVDGQPFTNWYDNGSNQVAFGRGNRGFIVFNNDDWSFSLTLQTGLPAGTYCDVISGDKINGNCTGIKIYVSDDGKAH
FSISNSAEDPFIAIHAESKL
;
_entity_poly.pdbx_strand_id   A
#
# COMPACT_ATOMS: atom_id res chain seq x y z
N TYR A 2 -1.48 -0.99 16.29
CA TYR A 2 -2.46 -1.58 15.35
C TYR A 2 -3.46 -0.57 14.81
N SER A 3 -3.64 0.52 15.57
CA SER A 3 -4.61 1.48 15.06
C SER A 3 -3.93 2.42 14.06
N PRO A 4 -4.59 2.72 12.92
CA PRO A 4 -4.03 3.61 11.90
C PRO A 4 -3.80 5.07 12.29
N ASN A 5 -4.50 5.48 13.37
CA ASN A 5 -4.38 6.89 13.81
C ASN A 5 -4.95 7.90 12.80
N THR A 6 -5.83 7.38 11.94
CA THR A 6 -6.48 8.29 10.99
C THR A 6 -7.66 9.02 11.68
N GLN A 7 -8.10 10.12 11.05
CA GLN A 7 -9.26 10.76 11.67
C GLN A 7 -10.47 9.83 11.61
N GLN A 8 -11.30 9.91 12.67
CA GLN A 8 -12.49 9.07 12.65
C GLN A 8 -13.31 9.24 11.35
N GLY A 9 -13.60 8.12 10.69
CA GLY A 9 -14.33 8.15 9.44
C GLY A 9 -13.41 8.08 8.22
N ARG A 10 -12.12 8.30 8.40
CA ARG A 10 -11.26 8.15 7.21
C ARG A 10 -10.61 6.74 7.30
N THR A 11 -10.85 5.93 6.25
CA THR A 11 -10.50 4.52 6.44
C THR A 11 -9.44 3.90 5.52
N SER A 12 -8.79 4.72 4.68
CA SER A 12 -7.80 4.06 3.81
C SER A 12 -6.54 4.89 3.69
N ILE A 13 -5.47 4.24 3.22
CA ILE A 13 -4.29 5.06 2.94
C ILE A 13 -3.90 4.89 1.45
N VAL A 14 -3.25 5.92 0.92
CA VAL A 14 -2.82 5.79 -0.48
C VAL A 14 -1.30 5.87 -0.55
N HIS A 15 -0.74 4.93 -1.31
CA HIS A 15 0.70 4.98 -1.49
C HIS A 15 1.04 5.84 -2.72
N LEU A 16 1.52 7.06 -2.43
CA LEU A 16 1.86 7.93 -3.57
C LEU A 16 3.33 7.65 -3.91
N PHE A 17 3.46 6.56 -4.66
CA PHE A 17 4.78 6.04 -5.00
C PHE A 17 5.78 7.03 -5.63
N GLU A 18 6.85 7.32 -4.84
CA GLU A 18 7.92 8.21 -5.32
C GLU A 18 7.54 9.67 -5.55
N TRP A 19 6.32 10.02 -5.12
CA TRP A 19 6.01 11.44 -5.32
C TRP A 19 6.90 12.36 -4.46
N ARG A 20 7.03 13.59 -4.96
CA ARG A 20 7.78 14.60 -4.20
C ARG A 20 6.99 15.04 -2.98
N TRP A 21 7.72 15.52 -1.97
CA TRP A 21 6.99 15.96 -0.78
C TRP A 21 6.08 17.15 -1.03
N VAL A 22 6.54 18.06 -1.91
CA VAL A 22 5.68 19.20 -2.22
C VAL A 22 4.39 18.76 -2.92
N ASP A 23 4.54 17.78 -3.83
CA ASP A 23 3.31 17.34 -4.51
C ASP A 23 2.37 16.58 -3.58
N ILE A 24 2.95 15.88 -2.59
CA ILE A 24 2.05 15.23 -1.65
C ILE A 24 1.35 16.29 -0.77
N ALA A 25 2.10 17.33 -0.38
CA ALA A 25 1.44 18.35 0.44
C ALA A 25 0.26 19.01 -0.29
N LEU A 26 0.49 19.31 -1.57
CA LEU A 26 -0.61 19.91 -2.34
C LEU A 26 -1.77 18.93 -2.52
N GLU A 27 -1.40 17.66 -2.74
CA GLU A 27 -2.45 16.62 -2.91
C GLU A 27 -3.29 16.46 -1.64
N CYS A 28 -2.62 16.59 -0.48
CA CYS A 28 -3.39 16.50 0.75
C CYS A 28 -4.43 17.60 0.86
N GLU A 29 -4.01 18.79 0.43
CA GLU A 29 -4.93 19.91 0.55
C GLU A 29 -6.02 19.98 -0.53
N ARG A 30 -5.63 19.65 -1.77
CA ARG A 30 -6.63 19.81 -2.83
C ARG A 30 -7.45 18.57 -3.15
N TYR A 31 -7.01 17.43 -2.64
CA TYR A 31 -7.76 16.24 -3.04
C TYR A 31 -7.97 15.23 -1.90
N LEU A 32 -6.89 14.94 -1.17
CA LEU A 32 -7.06 13.87 -0.17
C LEU A 32 -7.96 14.23 1.02
N ALA A 33 -7.77 15.44 1.56
CA ALA A 33 -8.69 15.81 2.65
C ALA A 33 -10.14 15.98 2.15
N PRO A 34 -10.39 16.71 1.00
CA PRO A 34 -11.78 16.85 0.52
C PRO A 34 -12.41 15.49 0.18
N LYS A 35 -11.56 14.51 -0.19
CA LYS A 35 -12.20 13.24 -0.53
C LYS A 35 -12.16 12.19 0.57
N GLY A 36 -11.76 12.59 1.78
CA GLY A 36 -11.73 11.66 2.91
C GLY A 36 -10.67 10.56 2.98
N PHE A 37 -9.55 10.76 2.26
CA PHE A 37 -8.49 9.74 2.38
C PHE A 37 -7.84 9.83 3.76
N GLY A 38 -7.57 8.69 4.41
CA GLY A 38 -6.98 8.72 5.75
C GLY A 38 -5.53 9.12 5.87
N GLY A 39 -4.74 8.77 4.85
CA GLY A 39 -3.33 9.09 4.89
C GLY A 39 -2.54 8.68 3.69
N VAL A 40 -1.24 8.98 3.77
CA VAL A 40 -0.41 8.66 2.62
C VAL A 40 0.82 7.86 3.03
N GLN A 41 1.09 6.79 2.28
CA GLN A 41 2.35 6.11 2.58
C GLN A 41 3.37 6.72 1.60
N VAL A 42 4.44 7.26 2.20
CA VAL A 42 5.43 7.88 1.34
C VAL A 42 6.61 6.95 1.05
N SER A 43 7.32 7.24 -0.04
CA SER A 43 8.51 6.43 -0.31
C SER A 43 9.62 6.71 0.74
N PRO A 44 10.65 5.84 0.88
CA PRO A 44 11.70 6.09 1.89
C PRO A 44 12.26 7.50 1.83
N PRO A 45 12.17 8.25 2.96
CA PRO A 45 12.68 9.62 3.00
C PRO A 45 14.15 9.79 3.37
N ASN A 46 14.81 8.66 3.63
CA ASN A 46 16.22 8.78 4.03
C ASN A 46 17.17 8.69 2.82
N GLU A 47 18.39 9.21 3.03
CA GLU A 47 19.39 9.21 1.93
C GLU A 47 19.71 7.80 1.38
N ASN A 48 19.81 7.72 0.04
CA ASN A 48 20.06 6.38 -0.52
C ASN A 48 21.16 6.39 -1.58
N VAL A 49 21.45 5.21 -2.15
CA VAL A 49 22.48 5.27 -3.19
C VAL A 49 21.97 5.86 -4.50
N ALA A 50 22.93 6.41 -5.24
CA ALA A 50 22.55 6.94 -6.55
C ALA A 50 23.46 6.26 -7.58
N ILE A 51 22.90 5.35 -8.39
CA ILE A 51 23.87 4.73 -9.31
C ILE A 51 24.41 5.70 -10.39
N TYR A 52 25.62 5.41 -10.86
CA TYR A 52 26.16 6.37 -11.83
C TYR A 52 25.65 6.07 -13.26
N ASN A 53 24.50 6.60 -13.73
CA ASN A 53 24.19 6.14 -15.12
C ASN A 53 23.55 7.10 -16.22
N PRO A 54 22.51 7.99 -15.96
CA PRO A 54 21.64 8.43 -14.86
C PRO A 54 20.91 7.22 -14.35
N PHE A 55 19.95 6.68 -15.15
CA PHE A 55 19.23 5.48 -14.69
C PHE A 55 18.70 5.77 -13.27
N ARG A 56 17.48 6.30 -13.12
CA ARG A 56 17.21 6.38 -11.69
C ARG A 56 16.19 5.32 -11.33
N PRO A 57 16.64 4.05 -11.08
CA PRO A 57 15.68 3.00 -10.76
C PRO A 57 14.95 3.12 -9.42
N TRP A 58 13.74 2.56 -9.41
CA TRP A 58 12.98 2.67 -8.17
C TRP A 58 13.69 2.03 -6.96
N TRP A 59 14.45 0.96 -7.25
CA TRP A 59 15.08 0.23 -6.14
C TRP A 59 16.19 0.96 -5.41
N GLU A 60 16.65 2.05 -6.02
CA GLU A 60 17.67 2.83 -5.31
C GLU A 60 17.18 3.32 -3.96
N ARG A 61 15.86 3.51 -3.88
CA ARG A 61 15.40 4.01 -2.60
C ARG A 61 15.35 2.97 -1.48
N TYR A 62 15.66 1.72 -1.85
CA TYR A 62 15.67 0.71 -0.81
C TYR A 62 17.11 0.35 -0.42
N GLN A 63 18.02 1.25 -0.83
CA GLN A 63 19.40 1.00 -0.43
C GLN A 63 19.91 2.23 0.35
N PRO A 64 19.69 2.25 1.70
CA PRO A 64 20.12 3.38 2.55
C PRO A 64 21.63 3.66 2.65
N VAL A 65 21.93 4.95 2.73
CA VAL A 65 23.34 5.36 2.89
C VAL A 65 23.44 6.06 4.25
N SER A 66 22.32 6.69 4.62
CA SER A 66 22.28 7.37 5.92
C SER A 66 20.81 7.62 6.30
N TYR A 67 20.63 8.26 7.46
CA TYR A 67 19.25 8.55 7.83
C TYR A 67 18.94 10.04 7.64
N LYS A 68 19.78 10.70 6.82
CA LYS A 68 19.46 12.11 6.55
C LYS A 68 18.20 12.16 5.66
N LEU A 69 17.33 13.14 5.89
CA LEU A 69 16.13 13.15 5.03
C LEU A 69 16.43 13.93 3.77
N CYS A 70 16.98 13.19 2.80
CA CYS A 70 17.44 13.91 1.63
C CYS A 70 17.43 12.95 0.45
N THR A 71 16.37 13.09 -0.37
CA THR A 71 16.22 12.14 -1.48
C THR A 71 15.71 12.87 -2.73
N ARG A 72 15.43 12.09 -3.78
CA ARG A 72 14.89 12.77 -4.96
C ARG A 72 13.44 13.28 -4.73
N SER A 73 12.82 12.85 -3.61
CA SER A 73 11.49 13.41 -3.35
C SER A 73 11.60 14.77 -2.65
N GLY A 74 12.78 15.09 -2.11
CA GLY A 74 12.98 16.37 -1.46
C GLY A 74 13.87 16.34 -0.24
N ASN A 75 14.04 17.53 0.36
CA ASN A 75 14.91 17.53 1.53
C ASN A 75 14.15 17.55 2.86
N GLU A 76 14.86 17.87 3.95
CA GLU A 76 14.13 17.82 5.23
C GLU A 76 13.14 18.96 5.39
N ASP A 77 13.49 20.11 4.82
CA ASP A 77 12.54 21.21 4.95
C ASP A 77 11.24 20.89 4.18
N GLU A 78 11.43 20.31 2.99
CA GLU A 78 10.24 19.94 2.22
C GLU A 78 9.46 18.80 2.89
N PHE A 79 10.19 17.88 3.54
CA PHE A 79 9.46 16.79 4.22
C PHE A 79 8.64 17.31 5.41
N ARG A 80 9.27 18.15 6.24
CA ARG A 80 8.50 18.69 7.38
C ARG A 80 7.30 19.55 6.93
N ASN A 81 7.49 20.28 5.82
CA ASN A 81 6.38 21.10 5.30
C ASN A 81 5.19 20.23 4.88
N MET A 82 5.52 19.09 4.24
CA MET A 82 4.48 18.16 3.84
C MET A 82 3.77 17.50 5.02
N VAL A 83 4.55 17.04 6.01
CA VAL A 83 3.86 16.41 7.16
C VAL A 83 2.97 17.43 7.91
N THR A 84 3.50 18.65 8.05
CA THR A 84 2.70 19.68 8.71
C THR A 84 1.41 20.04 7.93
N ARG A 85 1.56 20.25 6.61
CA ARG A 85 0.33 20.59 5.88
C ARG A 85 -0.67 19.44 5.78
N CYS A 86 -0.15 18.23 5.59
CA CYS A 86 -1.10 17.12 5.54
C CYS A 86 -1.78 16.86 6.89
N ASN A 87 -0.99 16.88 7.99
CA ASN A 87 -1.67 16.66 9.28
C ASN A 87 -2.68 17.78 9.59
N ASN A 88 -2.34 19.01 9.12
CA ASN A 88 -3.28 20.11 9.37
C ASN A 88 -4.63 19.94 8.65
N VAL A 89 -4.64 19.12 7.59
CA VAL A 89 -5.96 18.91 6.98
C VAL A 89 -6.48 17.49 7.27
N GLY A 90 -5.90 16.89 8.31
CA GLY A 90 -6.28 15.56 8.77
C GLY A 90 -5.83 14.37 7.94
N VAL A 91 -4.78 14.56 7.13
CA VAL A 91 -4.34 13.43 6.31
C VAL A 91 -3.01 12.96 6.89
N ARG A 92 -2.98 11.69 7.30
CA ARG A 92 -1.74 11.27 7.96
C ARG A 92 -0.59 10.86 7.03
N ILE A 93 0.61 10.81 7.64
CA ILE A 93 1.78 10.41 6.84
C ILE A 93 2.41 9.14 7.45
N TYR A 94 2.60 8.13 6.57
CA TYR A 94 3.23 6.88 7.05
C TYR A 94 4.52 6.69 6.26
N VAL A 95 5.61 6.50 7.01
CA VAL A 95 6.89 6.38 6.31
C VAL A 95 7.31 4.94 6.01
N ASP A 96 7.86 4.77 4.79
CA ASP A 96 8.42 3.46 4.44
C ASP A 96 9.82 3.40 5.11
N ALA A 97 9.87 2.61 6.22
CA ALA A 97 11.12 2.52 7.00
C ALA A 97 12.02 1.36 6.56
N VAL A 98 13.13 1.74 5.92
CA VAL A 98 14.08 0.71 5.46
C VAL A 98 15.14 0.55 6.56
N ILE A 99 14.90 -0.48 7.38
CA ILE A 99 15.76 -0.63 8.56
C ILE A 99 16.43 -1.99 8.68
N ASN A 100 16.13 -2.88 7.73
CA ASN A 100 16.77 -4.21 7.81
C ASN A 100 18.20 -4.16 7.30
N HIS A 101 18.45 -3.16 6.45
CA HIS A 101 19.75 -3.24 5.80
C HIS A 101 20.25 -1.88 5.34
N MET A 102 21.52 -1.87 4.92
CA MET A 102 21.99 -0.64 4.31
C MET A 102 22.10 -0.95 2.79
N CYS A 103 23.10 -0.41 2.08
CA CYS A 103 23.08 -0.70 0.62
C CYS A 103 23.68 -2.06 0.18
N GLY A 104 23.74 -2.31 -1.15
CA GLY A 104 24.30 -3.54 -1.72
C GLY A 104 25.75 -3.72 -1.32
N ASN A 105 26.14 -4.94 -0.92
CA ASN A 105 27.55 -5.10 -0.46
C ASN A 105 28.56 -4.76 -1.54
N ALA A 106 28.03 -4.71 -2.76
CA ALA A 106 28.97 -4.23 -3.75
C ALA A 106 28.44 -2.83 -4.05
N VAL A 107 27.94 -2.62 -5.27
CA VAL A 107 27.29 -1.33 -5.58
C VAL A 107 28.34 -0.26 -5.85
N SER A 108 29.58 -0.71 -5.67
CA SER A 108 30.60 0.29 -5.88
C SER A 108 31.03 0.20 -7.31
N ALA A 109 30.25 -0.63 -8.01
CA ALA A 109 30.50 -0.80 -9.43
C ALA A 109 30.39 0.54 -10.17
N GLY A 110 29.84 1.54 -9.47
CA GLY A 110 29.67 2.88 -9.98
C GLY A 110 28.53 3.55 -9.24
N THR A 111 28.86 4.32 -8.20
CA THR A 111 27.72 4.87 -7.48
C THR A 111 28.05 6.12 -6.63
N SER A 112 27.00 6.86 -6.29
CA SER A 112 27.26 7.96 -5.37
C SER A 112 26.11 7.98 -4.33
N SER A 113 25.87 9.10 -3.65
CA SER A 113 24.76 9.07 -2.70
C SER A 113 23.87 10.29 -2.93
N THR A 114 22.61 10.21 -2.49
CA THR A 114 21.74 11.35 -2.82
C THR A 114 21.99 12.67 -2.06
N CYS A 115 22.74 12.62 -0.95
CA CYS A 115 22.96 13.91 -0.30
C CYS A 115 24.46 14.18 -0.13
N GLY A 116 25.28 13.37 -0.82
CA GLY A 116 26.72 13.50 -0.76
C GLY A 116 27.43 12.84 0.41
N SER A 117 26.70 12.08 1.26
CA SER A 117 27.42 11.44 2.37
C SER A 117 28.38 10.37 1.88
N TYR A 118 29.51 10.28 2.58
CA TYR A 118 30.43 9.23 2.16
C TYR A 118 29.96 7.86 2.67
N PHE A 119 30.23 6.85 1.84
CA PHE A 119 29.95 5.49 2.32
C PHE A 119 30.83 4.50 1.54
N ASN A 120 31.12 3.36 2.16
CA ASN A 120 31.92 2.38 1.42
C ASN A 120 31.39 1.00 1.86
N PRO A 121 30.57 0.37 1.02
CA PRO A 121 29.98 -0.94 1.29
C PRO A 121 30.96 -2.04 1.64
N GLY A 122 32.10 -2.05 0.96
CA GLY A 122 33.16 -3.03 1.18
C GLY A 122 33.74 -2.99 2.58
N SER A 123 33.94 -1.78 3.11
CA SER A 123 34.47 -1.81 4.48
C SER A 123 33.34 -1.65 5.50
N ARG A 124 32.10 -1.69 4.97
CA ARG A 124 30.93 -1.54 5.86
C ARG A 124 31.00 -0.19 6.61
N ASP A 125 31.47 0.79 5.86
CA ASP A 125 31.61 2.06 6.54
C ASP A 125 30.52 3.05 6.14
N PHE A 126 29.69 3.39 7.12
CA PHE A 126 28.64 4.38 6.81
C PHE A 126 28.78 5.47 7.86
N PRO A 127 29.80 6.36 7.73
CA PRO A 127 30.04 7.42 8.71
C PRO A 127 28.96 8.46 8.97
N ALA A 128 28.00 8.57 8.03
CA ALA A 128 26.98 9.58 8.34
C ALA A 128 25.90 9.06 9.31
N VAL A 129 26.00 7.76 9.67
CA VAL A 129 24.99 7.30 10.63
C VAL A 129 25.44 7.52 12.10
N PRO A 130 26.58 6.93 12.56
CA PRO A 130 27.59 6.05 11.97
C PRO A 130 27.44 4.56 12.22
N TYR A 131 27.67 3.83 11.13
CA TYR A 131 27.70 2.37 11.29
C TYR A 131 29.05 1.87 10.76
N SER A 132 29.55 0.82 11.40
CA SER A 132 30.82 0.24 10.92
C SER A 132 30.60 -1.26 10.69
N GLY A 133 31.67 -2.01 10.40
CA GLY A 133 31.56 -3.45 10.21
C GLY A 133 31.06 -4.17 11.46
N TRP A 134 31.18 -3.50 12.61
CA TRP A 134 30.67 -4.19 13.82
C TRP A 134 29.15 -4.12 13.94
N ASP A 135 28.53 -3.40 12.99
CA ASP A 135 27.07 -3.28 13.08
C ASP A 135 26.31 -4.11 12.06
N PHE A 136 27.04 -5.01 11.39
CA PHE A 136 26.36 -5.84 10.39
C PHE A 136 26.43 -7.33 10.74
N ASN A 137 25.60 -8.10 10.05
CA ASN A 137 25.55 -9.52 10.42
C ASN A 137 26.52 -10.42 9.64
N ASP A 138 27.66 -9.87 9.20
CA ASP A 138 28.51 -10.76 8.40
C ASP A 138 29.09 -11.97 9.14
N GLY A 139 29.17 -11.90 10.46
CA GLY A 139 29.68 -13.01 11.27
C GLY A 139 28.59 -13.88 11.88
N LYS A 140 27.34 -13.44 11.73
CA LYS A 140 26.26 -14.25 12.28
C LYS A 140 25.69 -15.16 11.19
N CYS A 141 25.73 -14.64 9.95
CA CYS A 141 25.21 -15.46 8.84
C CYS A 141 26.10 -16.69 8.59
N LYS A 142 25.48 -17.86 8.41
CA LYS A 142 26.39 -19.00 8.24
C LYS A 142 26.42 -19.54 6.81
N THR A 143 25.90 -18.74 5.87
CA THR A 143 25.99 -19.27 4.50
C THR A 143 27.38 -19.01 3.96
N GLY A 144 27.81 -19.80 2.96
CA GLY A 144 29.13 -19.57 2.40
C GLY A 144 29.27 -18.26 1.65
N SER A 145 28.14 -17.77 1.11
CA SER A 145 28.24 -16.48 0.40
C SER A 145 27.99 -15.28 1.28
N GLY A 146 27.27 -15.48 2.37
CA GLY A 146 26.90 -14.37 3.24
C GLY A 146 25.52 -13.85 2.80
N ASP A 147 25.05 -14.35 1.65
CA ASP A 147 23.71 -13.92 1.20
C ASP A 147 22.67 -15.00 1.55
N ILE A 148 21.39 -14.61 1.42
CA ILE A 148 20.38 -15.65 1.67
C ILE A 148 20.41 -16.66 0.51
N GLU A 149 20.57 -17.93 0.84
CA GLU A 149 20.60 -18.90 -0.26
C GLU A 149 19.27 -19.65 -0.36
N ASN A 150 18.61 -19.77 0.78
CA ASN A 150 17.31 -20.43 0.70
C ASN A 150 16.32 -19.45 1.29
N TYR A 151 15.37 -18.98 0.45
CA TYR A 151 14.49 -17.97 1.03
C TYR A 151 13.33 -18.50 1.91
N ASN A 152 13.35 -19.79 2.22
CA ASN A 152 12.30 -20.25 3.13
C ASN A 152 12.95 -20.67 4.45
N ASP A 153 14.29 -20.60 4.44
CA ASP A 153 15.04 -20.99 5.65
C ASP A 153 14.98 -19.83 6.67
N ALA A 154 14.37 -20.09 7.82
CA ALA A 154 14.22 -18.98 8.77
C ALA A 154 15.49 -18.28 9.28
N THR A 155 16.54 -19.06 9.54
CA THR A 155 17.70 -18.31 10.03
C THR A 155 18.43 -17.54 8.94
N GLN A 156 18.55 -18.16 7.74
CA GLN A 156 19.24 -17.36 6.71
C GLN A 156 18.42 -16.16 6.29
N VAL A 157 17.09 -16.35 6.32
CA VAL A 157 16.24 -15.21 5.90
C VAL A 157 16.43 -13.96 6.77
N ARG A 158 16.72 -14.23 8.04
CA ARG A 158 16.84 -13.09 8.94
C ARG A 158 18.27 -12.62 9.21
N ASP A 159 19.24 -13.52 9.04
CA ASP A 159 20.59 -13.05 9.40
C ASP A 159 21.51 -12.83 8.22
N CYS A 160 21.03 -13.27 7.05
CA CYS A 160 21.95 -13.09 5.93
C CYS A 160 21.53 -11.94 5.00
N ARG A 161 22.35 -11.70 3.97
CA ARG A 161 22.03 -10.54 3.14
C ARG A 161 20.92 -10.72 2.10
N LEU A 162 19.87 -9.91 2.25
CA LEU A 162 18.81 -10.00 1.25
C LEU A 162 19.31 -9.46 -0.10
N THR A 163 19.41 -10.36 -1.10
CA THR A 163 19.95 -9.94 -2.42
C THR A 163 21.23 -9.11 -2.35
N GLY A 164 22.12 -9.48 -1.43
CA GLY A 164 23.37 -8.76 -1.27
C GLY A 164 23.33 -7.49 -0.44
N LEU A 165 22.13 -7.14 0.07
CA LEU A 165 22.08 -5.90 0.87
C LEU A 165 22.68 -6.08 2.27
N LEU A 166 23.64 -5.20 2.62
CA LEU A 166 24.29 -5.34 3.92
C LEU A 166 23.29 -5.43 5.07
N ASP A 167 23.37 -6.55 5.79
CA ASP A 167 22.31 -6.77 6.79
C ASP A 167 22.63 -6.23 8.18
N LEU A 168 21.74 -5.37 8.69
CA LEU A 168 22.09 -4.80 10.01
C LEU A 168 21.96 -5.77 11.19
N ALA A 169 22.92 -5.62 12.13
CA ALA A 169 22.82 -6.51 13.29
C ALA A 169 21.80 -5.94 14.27
N LEU A 170 20.54 -6.29 14.00
CA LEU A 170 19.51 -5.69 14.86
C LEU A 170 19.44 -6.23 16.28
N GLU A 171 20.34 -7.18 16.61
CA GLU A 171 20.33 -7.60 18.02
C GLU A 171 21.18 -6.62 18.88
N LYS A 172 21.97 -5.78 18.21
CA LYS A 172 22.77 -4.84 19.03
C LYS A 172 21.93 -3.64 19.45
N ASP A 173 21.97 -3.33 20.76
CA ASP A 173 21.16 -2.18 21.14
C ASP A 173 21.65 -0.85 20.53
N TYR A 174 22.93 -0.78 20.18
CA TYR A 174 23.34 0.46 19.50
C TYR A 174 22.61 0.61 18.15
N VAL A 175 22.55 -0.51 17.40
CA VAL A 175 21.87 -0.45 16.09
C VAL A 175 20.37 -0.18 16.24
N ARG A 176 19.78 -0.86 17.23
CA ARG A 176 18.36 -0.59 17.47
C ARG A 176 18.12 0.86 17.85
N SER A 177 19.08 1.41 18.61
CA SER A 177 18.88 2.81 19.01
C SER A 177 19.10 3.81 17.88
N LYS A 178 20.02 3.49 16.95
CA LYS A 178 20.15 4.46 15.86
C LYS A 178 18.91 4.44 14.98
N ILE A 179 18.37 3.22 14.81
CA ILE A 179 17.13 3.15 14.02
C ILE A 179 15.98 3.88 14.74
N ALA A 180 15.92 3.68 16.07
CA ALA A 180 14.84 4.39 16.78
C ALA A 180 15.06 5.90 16.77
N GLU A 181 16.33 6.31 16.74
CA GLU A 181 16.59 7.76 16.67
C GLU A 181 16.02 8.34 15.35
N TYR A 182 16.29 7.60 14.27
CA TYR A 182 15.73 8.03 12.97
C TYR A 182 14.20 8.01 13.00
N MET A 183 13.66 6.90 13.49
CA MET A 183 12.19 6.84 13.48
C MET A 183 11.55 7.83 14.44
N ASN A 184 12.26 8.11 15.55
CA ASN A 184 11.68 9.06 16.50
C ASN A 184 11.75 10.50 15.98
N HIS A 185 12.78 10.78 15.18
CA HIS A 185 12.82 12.13 14.60
C HIS A 185 11.60 12.33 13.67
N LEU A 186 11.27 11.24 12.96
CA LEU A 186 10.11 11.30 12.05
C LEU A 186 8.76 11.41 12.80
N ILE A 187 8.62 10.62 13.88
CA ILE A 187 7.37 10.74 14.68
C ILE A 187 7.24 12.16 15.26
N ASP A 188 8.40 12.69 15.71
CA ASP A 188 8.34 14.04 16.31
C ASP A 188 8.02 15.13 15.30
N ILE A 189 8.38 14.88 14.02
CA ILE A 189 7.98 15.84 13.00
C ILE A 189 6.44 15.79 12.78
N GLY A 190 5.85 14.62 13.01
CA GLY A 190 4.40 14.45 12.86
C GLY A 190 3.94 13.20 12.14
N VAL A 191 4.89 12.31 11.81
CA VAL A 191 4.51 11.06 11.13
C VAL A 191 3.59 10.19 12.02
N ALA A 192 2.63 9.52 11.38
CA ALA A 192 1.69 8.76 12.20
C ALA A 192 2.02 7.28 12.32
N GLY A 193 2.98 6.81 11.54
CA GLY A 193 3.31 5.41 11.56
C GLY A 193 4.26 5.01 10.46
N PHE A 194 4.41 3.68 10.32
CA PHE A 194 5.43 3.23 9.38
C PHE A 194 5.13 1.90 8.72
N ARG A 195 5.64 1.83 7.50
CA ARG A 195 5.63 0.53 6.85
C ARG A 195 7.02 -0.03 7.19
N LEU A 196 7.06 -1.21 7.83
CA LEU A 196 8.40 -1.72 8.10
C LEU A 196 8.86 -2.64 6.97
N ASP A 197 9.73 -2.07 6.13
CA ASP A 197 10.24 -2.81 4.96
C ASP A 197 10.97 -4.11 5.31
N ALA A 198 10.73 -5.14 4.48
CA ALA A 198 11.48 -6.40 4.70
C ALA A 198 11.39 -6.98 6.12
N SER A 199 10.20 -6.90 6.70
CA SER A 199 10.10 -7.45 8.06
C SER A 199 10.30 -8.95 8.15
N LYS A 200 10.04 -9.64 7.04
CA LYS A 200 10.30 -11.09 7.06
C LYS A 200 11.79 -11.38 7.31
N HIS A 201 12.60 -10.38 6.95
CA HIS A 201 14.04 -10.55 7.09
C HIS A 201 14.60 -10.06 8.43
N MET A 202 13.67 -9.78 9.36
CA MET A 202 14.13 -9.37 10.70
C MET A 202 13.48 -10.27 11.75
N TRP A 203 14.18 -10.45 12.89
CA TRP A 203 13.54 -11.27 13.91
C TRP A 203 12.47 -10.49 14.64
N PRO A 204 11.33 -11.13 14.95
CA PRO A 204 10.22 -10.45 15.67
C PRO A 204 10.65 -9.71 16.94
N GLY A 205 11.55 -10.32 17.72
CA GLY A 205 12.03 -9.72 18.96
C GLY A 205 12.93 -8.50 18.75
N ASP A 206 13.68 -8.53 17.64
CA ASP A 206 14.51 -7.34 17.38
C ASP A 206 13.61 -6.17 16.93
N ILE A 207 12.59 -6.51 16.12
CA ILE A 207 11.67 -5.43 15.73
C ILE A 207 10.96 -4.87 16.99
N LYS A 208 10.56 -5.79 17.89
CA LYS A 208 9.87 -5.26 19.08
C LYS A 208 10.77 -4.39 19.94
N ALA A 209 12.05 -4.79 20.02
CA ALA A 209 12.93 -3.96 20.85
C ALA A 209 13.16 -2.58 20.23
N ILE A 210 13.00 -2.51 18.91
CA ILE A 210 13.11 -1.18 18.29
C ILE A 210 11.80 -0.41 18.53
N LEU A 211 10.68 -1.14 18.37
CA LEU A 211 9.42 -0.43 18.57
C LEU A 211 9.20 0.02 20.00
N ASP A 212 9.77 -0.73 20.95
CA ASP A 212 9.58 -0.30 22.34
C ASP A 212 10.29 1.03 22.65
N LYS A 213 11.19 1.41 21.74
CA LYS A 213 11.89 2.69 21.96
C LYS A 213 11.16 3.87 21.26
N LEU A 214 10.09 3.54 20.52
CA LEU A 214 9.43 4.62 19.77
C LEU A 214 8.53 5.54 20.59
N HIS A 215 8.54 6.79 20.15
CA HIS A 215 7.75 7.78 20.88
C HIS A 215 6.25 7.72 20.65
N ASN A 216 5.54 8.26 21.65
CA ASN A 216 4.11 8.46 21.41
C ASN A 216 4.01 9.51 20.28
N LEU A 217 2.83 9.56 19.64
CA LEU A 217 2.73 10.53 18.56
C LEU A 217 2.70 12.00 19.00
N ASN A 218 3.06 12.89 18.05
CA ASN A 218 3.09 14.32 18.39
C ASN A 218 1.70 14.80 18.85
N SER A 219 1.63 15.19 20.14
CA SER A 219 0.30 15.54 20.66
C SER A 219 -0.26 16.91 20.28
N ASN A 220 0.45 17.57 19.36
CA ASN A 220 -0.16 18.80 18.85
C ASN A 220 -1.21 18.39 17.81
N TRP A 221 -1.10 17.14 17.32
CA TRP A 221 -2.11 16.71 16.33
C TRP A 221 -2.81 15.41 16.77
N PHE A 222 -2.10 14.60 17.56
CA PHE A 222 -2.73 13.32 17.94
C PHE A 222 -3.05 13.27 19.44
N PRO A 223 -4.15 12.61 19.86
CA PRO A 223 -4.40 12.60 21.31
C PRO A 223 -3.25 11.96 22.12
N ALA A 224 -3.08 12.48 23.34
CA ALA A 224 -1.97 11.94 24.13
C ALA A 224 -2.03 10.42 24.32
N GLY A 225 -0.87 9.77 24.30
CA GLY A 225 -0.82 8.33 24.43
C GLY A 225 -0.98 7.58 23.13
N SER A 226 -1.12 8.31 22.02
CA SER A 226 -1.25 7.59 20.74
C SER A 226 0.06 6.92 20.34
N LYS A 227 -0.04 5.72 19.76
CA LYS A 227 1.23 5.09 19.38
C LYS A 227 1.34 4.98 17.86
N PRO A 228 2.58 4.95 17.31
CA PRO A 228 2.71 4.84 15.85
C PRO A 228 2.10 3.57 15.25
N PHE A 229 1.38 3.80 14.16
CA PHE A 229 0.82 2.65 13.43
C PHE A 229 1.97 1.86 12.80
N ILE A 230 1.94 0.54 12.98
CA ILE A 230 3.04 -0.21 12.36
C ILE A 230 2.50 -1.31 11.45
N TYR A 231 2.93 -1.31 10.19
CA TYR A 231 2.53 -2.47 9.38
C TYR A 231 3.79 -3.07 8.79
N GLN A 232 3.91 -4.34 9.09
CA GLN A 232 5.11 -5.09 8.75
C GLN A 232 5.03 -5.79 7.39
N GLU A 233 6.05 -5.56 6.54
CA GLU A 233 6.02 -6.24 5.23
C GLU A 233 6.57 -7.68 5.32
N VAL A 234 5.64 -8.65 5.26
CA VAL A 234 6.11 -10.05 5.36
C VAL A 234 5.33 -10.83 4.31
N ILE A 235 6.06 -11.47 3.39
CA ILE A 235 5.29 -12.27 2.43
C ILE A 235 5.18 -13.68 3.02
N ASP A 236 3.96 -14.06 3.35
CA ASP A 236 3.82 -15.40 3.93
C ASP A 236 2.84 -16.14 3.05
N LEU A 237 3.41 -17.07 2.29
CA LEU A 237 2.50 -17.72 1.36
C LEU A 237 1.92 -19.06 1.82
N GLY A 238 2.44 -19.66 2.89
CA GLY A 238 1.83 -20.92 3.26
C GLY A 238 2.50 -21.90 4.17
N GLY A 239 3.35 -22.76 3.59
CA GLY A 239 4.06 -23.79 4.35
C GLY A 239 5.43 -23.46 4.89
N GLU A 240 5.88 -22.24 4.62
CA GLU A 240 7.21 -21.91 5.11
C GLU A 240 7.30 -21.79 6.65
N PRO A 241 8.51 -21.95 7.28
CA PRO A 241 8.60 -21.83 8.75
C PRO A 241 8.33 -20.41 9.30
N ILE A 242 8.67 -19.39 8.51
CA ILE A 242 8.33 -18.05 9.01
C ILE A 242 6.84 -17.80 8.80
N LYS A 243 6.19 -17.34 9.86
CA LYS A 243 4.76 -17.12 9.66
C LYS A 243 4.38 -15.72 10.11
N SER A 244 3.28 -15.22 9.55
CA SER A 244 2.89 -13.87 9.98
C SER A 244 2.55 -13.78 11.47
N SER A 245 2.12 -14.92 12.03
CA SER A 245 1.82 -14.88 13.45
C SER A 245 3.06 -14.69 14.33
N ASP A 246 4.24 -14.74 13.70
CA ASP A 246 5.43 -14.44 14.53
C ASP A 246 5.53 -12.91 14.79
N TYR A 247 4.69 -12.15 14.07
CA TYR A 247 4.86 -10.69 14.16
C TYR A 247 3.64 -9.92 14.68
N PHE A 248 2.59 -10.65 15.12
CA PHE A 248 1.40 -9.88 15.52
C PHE A 248 1.58 -8.98 16.75
N GLY A 249 2.54 -9.31 17.61
CA GLY A 249 2.82 -8.50 18.79
C GLY A 249 3.51 -7.18 18.47
N ASN A 250 3.91 -7.04 17.21
CA ASN A 250 4.59 -5.78 16.89
C ASN A 250 3.71 -4.80 16.14
N GLY A 251 2.63 -5.30 15.54
CA GLY A 251 1.75 -4.44 14.74
C GLY A 251 1.04 -5.24 13.66
N ARG A 252 0.51 -4.49 12.67
CA ARG A 252 -0.15 -5.23 11.59
C ARG A 252 0.85 -5.88 10.64
N VAL A 253 0.31 -6.78 9.82
CA VAL A 253 1.21 -7.43 8.85
C VAL A 253 0.56 -7.36 7.47
N THR A 254 1.39 -7.17 6.44
CA THR A 254 0.80 -7.17 5.09
C THR A 254 0.27 -8.56 4.71
N GLU A 255 -0.97 -8.60 4.27
CA GLU A 255 -1.44 -9.91 3.87
C GLU A 255 -1.27 -10.05 2.34
N PHE A 256 -0.14 -10.64 1.94
CA PHE A 256 0.07 -10.76 0.48
C PHE A 256 -0.83 -11.78 -0.21
N LYS A 257 -1.42 -12.68 0.59
CA LYS A 257 -2.30 -13.64 -0.08
C LYS A 257 -3.64 -12.98 -0.46
N TYR A 258 -3.89 -11.81 0.14
CA TYR A 258 -5.12 -11.09 -0.20
C TYR A 258 -5.12 -10.64 -1.68
N GLY A 259 -4.12 -9.84 -2.06
CA GLY A 259 -4.01 -9.41 -3.45
C GLY A 259 -3.74 -10.55 -4.41
N ALA A 260 -2.98 -11.55 -3.94
CA ALA A 260 -2.74 -12.65 -4.89
C ALA A 260 -4.02 -13.45 -5.20
N LYS A 261 -4.78 -13.75 -4.14
CA LYS A 261 -5.99 -14.53 -4.40
C LYS A 261 -7.14 -13.73 -5.00
N LEU A 262 -7.22 -12.44 -4.63
CA LEU A 262 -8.29 -11.67 -5.27
C LEU A 262 -7.98 -11.52 -6.78
N GLY A 263 -6.70 -11.49 -7.13
CA GLY A 263 -6.26 -11.40 -8.51
C GLY A 263 -6.52 -12.72 -9.24
N THR A 264 -6.22 -13.86 -8.60
CA THR A 264 -6.52 -15.09 -9.35
C THR A 264 -8.04 -15.38 -9.46
N VAL A 265 -8.78 -14.94 -8.43
CA VAL A 265 -10.23 -15.16 -8.51
C VAL A 265 -10.90 -14.30 -9.59
N ILE A 266 -10.53 -13.00 -9.64
CA ILE A 266 -11.15 -12.14 -10.67
C ILE A 266 -10.68 -12.49 -12.09
N ARG A 267 -9.54 -13.20 -12.13
CA ARG A 267 -9.11 -13.62 -13.47
C ARG A 267 -9.59 -15.06 -13.74
N LYS A 268 -10.35 -15.61 -12.77
CA LYS A 268 -10.89 -16.98 -12.94
C LYS A 268 -9.82 -18.08 -13.09
N TRP A 269 -8.68 -17.89 -12.43
CA TRP A 269 -7.64 -18.92 -12.59
C TRP A 269 -8.03 -20.28 -12.00
N ASN A 270 -7.77 -21.33 -12.80
CA ASN A 270 -8.13 -22.70 -12.36
C ASN A 270 -9.60 -22.91 -12.06
N GLY A 271 -10.47 -22.13 -12.67
CA GLY A 271 -11.89 -22.29 -12.38
C GLY A 271 -12.35 -21.54 -11.13
N GLU A 272 -11.44 -20.71 -10.58
CA GLU A 272 -11.90 -19.92 -9.44
C GLU A 272 -12.99 -18.93 -9.86
N LYS A 273 -13.74 -18.48 -8.87
CA LYS A 273 -14.86 -17.63 -9.26
C LYS A 273 -15.23 -16.71 -8.11
N MET A 274 -15.84 -15.56 -8.45
CA MET A 274 -16.14 -14.64 -7.34
C MET A 274 -17.13 -15.14 -6.28
N SER A 275 -17.91 -16.17 -6.62
CA SER A 275 -18.81 -16.65 -5.56
C SER A 275 -18.03 -17.29 -4.41
N TYR A 276 -16.77 -17.63 -4.69
CA TYR A 276 -15.95 -18.21 -3.60
C TYR A 276 -15.54 -17.13 -2.57
N LEU A 277 -15.77 -15.86 -2.93
CA LEU A 277 -15.38 -14.82 -1.97
C LEU A 277 -16.42 -14.61 -0.85
N LYS A 278 -17.42 -15.53 -0.77
CA LYS A 278 -18.44 -15.35 0.30
C LYS A 278 -17.90 -15.28 1.71
N ASN A 279 -16.81 -16.03 1.91
CA ASN A 279 -16.23 -16.04 3.25
C ASN A 279 -14.83 -15.41 3.24
N TRP A 280 -14.66 -14.46 2.33
CA TRP A 280 -13.40 -13.74 2.22
C TRP A 280 -12.87 -13.21 3.57
N GLY A 281 -11.56 -13.35 3.79
CA GLY A 281 -10.96 -12.90 5.03
C GLY A 281 -10.43 -14.07 5.83
N GLU A 282 -10.77 -14.10 7.14
CA GLU A 282 -10.28 -15.23 7.95
C GLU A 282 -10.79 -16.59 7.48
N GLY A 283 -11.92 -16.62 6.76
CA GLY A 283 -12.45 -17.86 6.20
C GLY A 283 -11.54 -18.42 5.10
N TRP A 284 -10.66 -17.54 4.59
CA TRP A 284 -9.73 -18.02 3.55
C TRP A 284 -8.37 -18.36 4.15
N GLY A 285 -8.29 -18.32 5.48
CA GLY A 285 -7.04 -18.62 6.19
C GLY A 285 -6.08 -17.44 6.26
N PHE A 286 -6.64 -16.25 6.03
CA PHE A 286 -5.76 -15.07 6.09
C PHE A 286 -5.51 -14.65 7.54
N VAL A 287 -4.60 -13.67 7.71
CA VAL A 287 -4.36 -13.24 9.10
C VAL A 287 -5.61 -12.54 9.69
N PRO A 288 -5.67 -12.35 11.02
CA PRO A 288 -6.84 -11.68 11.57
C PRO A 288 -7.03 -10.28 11.01
N SER A 289 -8.30 -9.92 10.87
CA SER A 289 -8.59 -8.59 10.33
C SER A 289 -7.92 -7.43 11.08
N ASP A 290 -7.85 -7.57 12.42
CA ASP A 290 -7.23 -6.45 13.15
C ASP A 290 -5.68 -6.41 13.07
N ARG A 291 -5.13 -7.39 12.33
CA ARG A 291 -3.67 -7.32 12.12
C ARG A 291 -3.38 -7.32 10.60
N ALA A 292 -4.42 -7.03 9.80
CA ALA A 292 -4.13 -7.10 8.36
C ALA A 292 -4.02 -5.76 7.65
N LEU A 293 -2.99 -5.70 6.80
CA LEU A 293 -2.88 -4.53 5.94
C LEU A 293 -3.11 -5.12 4.54
N VAL A 294 -4.18 -4.66 3.90
CA VAL A 294 -4.48 -5.30 2.61
C VAL A 294 -4.34 -4.35 1.42
N PHE A 295 -4.16 -5.00 0.25
CA PHE A 295 -3.94 -4.22 -0.98
C PHE A 295 -4.08 -5.18 -2.18
N VAL A 296 -4.29 -4.63 -3.38
CA VAL A 296 -4.43 -5.60 -4.48
C VAL A 296 -3.25 -5.62 -5.44
N ASP A 297 -2.35 -4.64 -5.28
CA ASP A 297 -1.21 -4.73 -6.18
C ASP A 297 -0.19 -5.66 -5.53
N ASN A 298 -0.65 -6.92 -5.41
CA ASN A 298 0.14 -8.02 -4.80
C ASN A 298 1.64 -7.85 -4.90
N HIS A 299 2.06 -7.38 -6.07
CA HIS A 299 3.49 -7.07 -6.17
C HIS A 299 3.65 -5.93 -7.18
N ASP A 300 3.61 -4.67 -6.69
CA ASP A 300 3.77 -3.66 -7.73
C ASP A 300 5.22 -3.38 -8.10
N ASN A 301 5.36 -2.93 -9.37
CA ASN A 301 6.69 -2.77 -9.95
C ASN A 301 7.29 -4.17 -10.01
N GLN A 302 6.53 -5.02 -10.71
CA GLN A 302 6.92 -6.43 -10.82
C GLN A 302 8.20 -6.66 -11.66
N ARG A 303 9.30 -6.29 -11.02
CA ARG A 303 10.56 -6.49 -11.74
C ARG A 303 11.15 -7.83 -11.33
N GLY A 304 12.40 -8.08 -11.67
CA GLY A 304 13.04 -9.32 -11.31
C GLY A 304 13.32 -9.48 -9.83
N HIS A 305 13.26 -8.37 -9.08
CA HIS A 305 13.56 -8.61 -7.66
C HIS A 305 12.25 -8.90 -6.89
N GLY A 306 11.84 -10.17 -6.80
CA GLY A 306 10.61 -10.51 -6.09
C GLY A 306 10.22 -11.99 -5.93
N ALA A 307 10.12 -12.41 -4.65
CA ALA A 307 9.78 -13.84 -4.51
C ALA A 307 8.38 -14.07 -3.91
N GLY A 308 7.34 -14.01 -4.77
CA GLY A 308 5.96 -14.21 -4.34
C GLY A 308 4.84 -14.18 -5.38
N GLY A 309 3.62 -13.81 -4.95
CA GLY A 309 2.46 -13.73 -5.85
C GLY A 309 2.42 -12.41 -6.60
N ALA A 310 2.04 -12.44 -7.89
CA ALA A 310 2.08 -11.12 -8.57
C ALA A 310 1.10 -10.92 -9.73
N SER A 311 0.59 -9.67 -9.85
CA SER A 311 -0.33 -9.39 -10.97
C SER A 311 -0.45 -7.86 -11.27
N ILE A 312 0.26 -7.41 -12.33
CA ILE A 312 0.16 -5.96 -12.69
C ILE A 312 -0.91 -5.73 -13.76
N LEU A 313 -1.54 -4.53 -13.74
CA LEU A 313 -2.69 -4.43 -14.67
C LEU A 313 -2.79 -3.20 -15.69
N THR A 314 -3.17 -3.49 -16.97
CA THR A 314 -3.27 -2.45 -18.07
C THR A 314 -4.72 -2.04 -18.53
N PHE A 315 -5.23 -2.37 -19.75
CA PHE A 315 -6.63 -1.87 -20.03
C PHE A 315 -7.75 -2.85 -19.66
N TRP A 316 -7.75 -4.01 -20.35
CA TRP A 316 -8.76 -4.98 -19.92
C TRP A 316 -8.37 -5.34 -18.51
N ASP A 317 -7.11 -5.01 -18.26
CA ASP A 317 -6.67 -5.29 -16.93
C ASP A 317 -6.99 -4.10 -16.00
N ALA A 318 -7.15 -2.89 -16.57
CA ALA A 318 -7.56 -1.79 -15.65
C ALA A 318 -8.98 -2.05 -15.15
N ARG A 319 -9.73 -2.69 -16.04
CA ARG A 319 -11.09 -3.07 -15.68
C ARG A 319 -11.07 -4.08 -14.51
N LEU A 320 -10.18 -5.06 -14.63
CA LEU A 320 -10.12 -6.02 -13.50
C LEU A 320 -9.52 -5.38 -12.25
N TYR A 321 -8.62 -4.43 -12.49
CA TYR A 321 -8.02 -3.76 -11.32
C TYR A 321 -9.06 -2.92 -10.55
N LYS A 322 -9.93 -2.23 -11.31
CA LYS A 322 -10.94 -1.44 -10.59
C LYS A 322 -11.95 -2.33 -9.87
N MET A 323 -12.19 -3.50 -10.47
CA MET A 323 -13.11 -4.43 -9.79
C MET A 323 -12.50 -4.97 -8.50
N ALA A 324 -11.20 -5.27 -8.58
CA ALA A 324 -10.53 -5.78 -7.37
C ALA A 324 -10.45 -4.74 -6.26
N VAL A 325 -10.13 -3.50 -6.67
CA VAL A 325 -10.08 -2.44 -5.65
C VAL A 325 -11.45 -2.16 -5.03
N GLY A 326 -12.49 -2.19 -5.87
CA GLY A 326 -13.84 -1.96 -5.36
C GLY A 326 -14.27 -3.05 -4.40
N PHE A 327 -13.94 -4.30 -4.73
CA PHE A 327 -14.33 -5.36 -3.78
C PHE A 327 -13.58 -5.18 -2.45
N MET A 328 -12.30 -4.85 -2.58
CA MET A 328 -11.50 -4.66 -1.36
C MET A 328 -12.01 -3.50 -0.50
N LEU A 329 -12.34 -2.40 -1.18
CA LEU A 329 -12.78 -1.26 -0.39
C LEU A 329 -14.20 -1.41 0.17
N ALA A 330 -15.00 -2.28 -0.44
CA ALA A 330 -16.32 -2.45 0.18
C ALA A 330 -16.31 -3.51 1.27
N HIS A 331 -15.33 -4.43 1.19
CA HIS A 331 -15.32 -5.53 2.18
C HIS A 331 -14.72 -5.09 3.52
N PRO A 332 -15.32 -5.47 4.68
CA PRO A 332 -14.77 -5.04 5.98
C PRO A 332 -13.45 -5.62 6.45
N TYR A 333 -12.96 -6.64 5.74
CA TYR A 333 -11.69 -7.20 6.22
C TYR A 333 -10.48 -6.30 5.96
N GLY A 334 -9.69 -6.12 7.03
CA GLY A 334 -8.44 -5.37 7.01
C GLY A 334 -8.41 -3.87 6.82
N PHE A 335 -7.19 -3.34 6.97
CA PHE A 335 -7.06 -1.91 6.72
C PHE A 335 -6.54 -1.77 5.29
N THR A 336 -7.23 -0.91 4.54
CA THR A 336 -6.89 -0.88 3.12
C THR A 336 -5.88 0.14 2.64
N ARG A 337 -5.09 -0.35 1.67
CA ARG A 337 -4.10 0.54 1.06
C ARG A 337 -4.26 0.55 -0.47
N VAL A 338 -4.40 1.76 -1.03
CA VAL A 338 -4.46 1.79 -2.49
C VAL A 338 -3.14 2.34 -3.04
N MET A 339 -2.81 1.89 -4.25
CA MET A 339 -1.52 2.31 -4.80
C MET A 339 -1.68 3.34 -5.91
N SER A 340 -0.83 4.37 -5.88
CA SER A 340 -0.92 5.32 -6.98
C SER A 340 0.40 5.20 -7.74
N SER A 341 0.33 4.90 -9.04
CA SER A 341 1.62 4.60 -9.68
C SER A 341 2.09 5.57 -10.76
N TYR A 342 3.23 5.20 -11.35
CA TYR A 342 3.67 6.03 -12.47
C TYR A 342 3.67 5.19 -13.74
N ARG A 343 3.72 5.87 -14.89
CA ARG A 343 3.71 5.08 -16.13
C ARG A 343 5.08 4.59 -16.60
N TRP A 344 5.14 3.32 -17.00
CA TRP A 344 6.44 2.88 -17.55
C TRP A 344 6.27 1.74 -18.57
N PRO A 345 7.03 1.78 -19.68
CA PRO A 345 6.95 0.73 -20.71
C PRO A 345 7.29 -0.71 -20.28
N ARG A 346 6.66 -1.66 -20.99
CA ARG A 346 6.92 -3.08 -20.69
C ARG A 346 7.65 -3.79 -21.86
N GLN A 347 8.22 -4.99 -21.63
CA GLN A 347 8.92 -5.52 -22.81
C GLN A 347 8.21 -6.64 -23.59
N PHE A 348 7.30 -7.38 -22.92
CA PHE A 348 6.57 -8.44 -23.64
C PHE A 348 7.40 -9.76 -23.81
N GLN A 349 8.35 -10.02 -22.88
CA GLN A 349 9.06 -11.32 -23.06
C GLN A 349 9.20 -12.10 -21.72
N ASN A 350 9.97 -13.21 -21.76
CA ASN A 350 10.15 -14.10 -20.57
C ASN A 350 8.86 -14.83 -20.10
N GLY A 351 7.76 -14.60 -20.82
CA GLY A 351 6.47 -15.21 -20.50
C GLY A 351 5.43 -14.11 -20.36
N ASN A 352 5.76 -13.12 -19.51
CA ASN A 352 4.79 -12.03 -19.39
C ASN A 352 5.45 -10.69 -19.75
N ASP A 353 6.17 -10.08 -18.80
CA ASP A 353 6.79 -8.80 -19.21
C ASP A 353 8.17 -8.60 -18.57
N VAL A 354 9.07 -7.94 -19.32
CA VAL A 354 10.38 -7.74 -18.67
C VAL A 354 11.03 -6.34 -18.82
N ASN A 355 10.27 -5.26 -19.13
CA ASN A 355 11.05 -3.99 -19.09
C ASN A 355 11.16 -3.67 -17.60
N ASP A 356 12.37 -3.88 -17.09
CA ASP A 356 12.49 -3.79 -15.65
C ASP A 356 13.40 -2.71 -15.03
N TRP A 357 14.02 -1.86 -15.87
CA TRP A 357 14.85 -0.86 -15.18
C TRP A 357 14.04 0.42 -14.87
N VAL A 358 12.79 0.15 -14.47
CA VAL A 358 11.89 1.26 -14.23
C VAL A 358 12.25 2.13 -13.04
N GLY A 359 11.94 3.40 -13.22
CA GLY A 359 12.17 4.40 -12.22
C GLY A 359 11.15 5.45 -12.54
N PRO A 360 10.76 6.30 -11.57
CA PRO A 360 9.78 7.37 -11.71
C PRO A 360 10.14 8.46 -12.71
N PRO A 361 9.16 9.30 -13.13
CA PRO A 361 9.46 10.38 -14.08
C PRO A 361 10.47 11.32 -13.41
N ASN A 362 11.58 11.58 -14.09
CA ASN A 362 12.47 12.46 -13.32
C ASN A 362 13.00 13.68 -14.08
N ASN A 363 13.18 14.75 -13.28
CA ASN A 363 13.76 15.96 -13.86
C ASN A 363 15.26 15.93 -13.59
N ASN A 364 15.96 15.19 -14.48
CA ASN A 364 17.43 15.06 -14.29
C ASN A 364 17.86 14.59 -12.92
N GLY A 365 17.18 13.56 -12.40
CA GLY A 365 17.52 13.04 -11.09
C GLY A 365 16.49 13.37 -10.01
N VAL A 366 15.87 14.56 -10.11
CA VAL A 366 14.83 14.81 -9.10
C VAL A 366 13.46 14.41 -9.68
N ILE A 367 12.59 13.92 -8.81
CA ILE A 367 11.28 13.49 -9.33
C ILE A 367 10.53 14.62 -10.07
N LYS A 368 9.79 14.23 -11.11
CA LYS A 368 9.04 15.30 -11.79
C LYS A 368 7.78 15.69 -11.01
N GLU A 369 7.30 16.90 -11.32
CA GLU A 369 6.08 17.35 -10.63
C GLU A 369 4.84 16.58 -11.09
N VAL A 370 3.85 16.53 -10.20
CA VAL A 370 2.61 15.88 -10.62
C VAL A 370 1.70 16.94 -11.25
N THR A 371 1.28 16.69 -12.50
CA THR A 371 0.39 17.71 -13.07
C THR A 371 -1.05 17.20 -13.10
N ILE A 372 -1.99 18.15 -13.02
CA ILE A 372 -3.39 17.73 -13.01
C ILE A 372 -4.09 18.19 -14.31
N ASN A 373 -4.67 17.23 -15.03
CA ASN A 373 -5.38 17.59 -16.27
C ASN A 373 -6.77 18.22 -15.96
N PRO A 374 -7.45 18.86 -16.97
CA PRO A 374 -8.78 19.44 -16.66
C PRO A 374 -9.90 18.49 -16.22
N ASP A 375 -9.70 17.19 -16.48
CA ASP A 375 -10.75 16.25 -16.02
C ASP A 375 -10.38 15.56 -14.67
N THR A 376 -9.37 16.16 -13.99
CA THR A 376 -8.84 15.69 -12.68
C THR A 376 -7.88 14.51 -12.70
N THR A 377 -7.60 14.00 -13.89
CA THR A 377 -6.59 12.94 -13.92
C THR A 377 -5.19 13.58 -13.90
N CYS A 378 -4.18 12.73 -13.91
CA CYS A 378 -2.85 13.35 -13.86
C CYS A 378 -2.07 13.22 -15.17
N GLY A 379 -1.08 14.09 -15.32
CA GLY A 379 -0.20 14.07 -16.47
C GLY A 379 1.23 13.91 -15.97
N ASN A 380 2.20 14.21 -16.86
CA ASN A 380 3.61 14.05 -16.47
C ASN A 380 3.99 12.60 -16.13
N ASP A 381 3.21 11.69 -16.75
CA ASP A 381 3.42 10.23 -16.57
C ASP A 381 2.98 9.66 -15.21
N TRP A 382 2.22 10.45 -14.43
CA TRP A 382 1.73 9.86 -13.18
C TRP A 382 0.35 9.25 -13.46
N VAL A 383 0.11 8.01 -13.01
CA VAL A 383 -1.20 7.39 -13.33
C VAL A 383 -2.34 7.89 -12.44
N CYS A 384 -2.01 8.12 -11.15
CA CYS A 384 -3.05 8.63 -10.24
C CYS A 384 -4.31 7.77 -10.14
N GLU A 385 -4.08 6.48 -9.88
CA GLU A 385 -5.24 5.59 -9.73
C GLU A 385 -6.23 6.04 -8.66
N HIS A 386 -5.69 6.72 -7.64
CA HIS A 386 -6.59 7.18 -6.57
C HIS A 386 -7.54 8.30 -6.98
N ARG A 387 -7.25 8.89 -8.15
CA ARG A 387 -8.15 9.96 -8.65
C ARG A 387 -9.16 9.38 -9.64
N TRP A 388 -8.98 8.10 -10.00
CA TRP A 388 -10.00 7.54 -10.89
C TRP A 388 -11.34 7.53 -10.14
N ARG A 389 -12.40 8.03 -10.79
CA ARG A 389 -13.70 8.11 -10.10
C ARG A 389 -14.15 6.84 -9.37
N GLN A 390 -13.95 5.71 -10.05
CA GLN A 390 -14.41 4.44 -9.45
C GLN A 390 -13.62 4.07 -8.17
N ILE A 391 -12.35 4.48 -8.15
CA ILE A 391 -11.55 4.16 -6.97
C ILE A 391 -11.78 5.21 -5.89
N ARG A 392 -11.69 6.47 -6.30
CA ARG A 392 -11.99 7.50 -5.30
C ARG A 392 -13.39 7.33 -4.68
N ASN A 393 -14.38 7.01 -5.52
CA ASN A 393 -15.69 6.89 -4.87
C ASN A 393 -15.81 5.65 -3.98
N MET A 394 -14.94 4.66 -4.24
CA MET A 394 -14.99 3.51 -3.33
C MET A 394 -14.22 3.78 -2.03
N VAL A 395 -13.26 4.73 -2.10
CA VAL A 395 -12.57 5.14 -0.86
C VAL A 395 -13.61 5.84 0.02
N ILE A 396 -14.46 6.63 -0.66
CA ILE A 396 -15.52 7.30 0.11
C ILE A 396 -16.57 6.29 0.63
N PHE A 397 -16.90 5.32 -0.23
CA PHE A 397 -17.85 4.28 0.24
C PHE A 397 -17.36 3.64 1.56
N ARG A 398 -16.06 3.32 1.57
CA ARG A 398 -15.55 2.65 2.79
C ARG A 398 -15.71 3.51 4.06
N ASN A 399 -15.53 4.82 3.86
CA ASN A 399 -15.72 5.75 4.99
C ASN A 399 -17.19 5.79 5.44
N VAL A 400 -18.08 5.91 4.44
CA VAL A 400 -19.52 6.01 4.78
C VAL A 400 -20.07 4.78 5.51
N VAL A 401 -19.52 3.63 5.13
CA VAL A 401 -20.04 2.42 5.79
C VAL A 401 -19.17 1.99 6.98
N ASP A 402 -18.30 2.91 7.44
CA ASP A 402 -17.43 2.55 8.56
C ASP A 402 -18.17 1.98 9.77
N GLY A 403 -17.73 0.78 10.17
CA GLY A 403 -18.28 0.05 11.30
C GLY A 403 -19.54 -0.76 11.03
N GLN A 404 -20.01 -0.71 9.78
CA GLN A 404 -21.22 -1.49 9.51
C GLN A 404 -20.87 -2.93 9.15
N PRO A 405 -21.67 -3.92 9.62
CA PRO A 405 -21.38 -5.32 9.31
C PRO A 405 -21.54 -5.86 7.90
N PHE A 406 -20.74 -6.88 7.62
CA PHE A 406 -20.92 -7.56 6.33
C PHE A 406 -22.30 -8.26 6.39
N THR A 407 -23.12 -8.06 5.37
CA THR A 407 -24.45 -8.69 5.47
C THR A 407 -25.06 -8.85 4.06
N ASN A 408 -26.19 -9.56 3.98
CA ASN A 408 -26.89 -9.65 2.68
C ASN A 408 -26.08 -10.13 1.47
N TRP A 409 -25.29 -11.19 1.71
CA TRP A 409 -24.53 -11.72 0.59
C TRP A 409 -25.41 -12.45 -0.42
N TYR A 410 -25.06 -12.23 -1.68
CA TYR A 410 -25.76 -12.95 -2.73
C TYR A 410 -24.73 -13.45 -3.74
N ASP A 411 -24.99 -14.65 -4.27
CA ASP A 411 -24.16 -15.04 -5.41
C ASP A 411 -24.95 -15.97 -6.33
N ASN A 412 -24.54 -16.02 -7.60
CA ASN A 412 -25.29 -16.88 -8.53
C ASN A 412 -24.62 -18.23 -8.74
N GLY A 413 -23.69 -18.59 -7.86
CA GLY A 413 -22.96 -19.84 -8.01
C GLY A 413 -21.81 -19.74 -9.01
N SER A 414 -21.64 -18.53 -9.57
CA SER A 414 -20.58 -18.39 -10.55
C SER A 414 -19.78 -17.09 -10.25
N ASN A 415 -19.96 -16.03 -11.07
CA ASN A 415 -19.18 -14.80 -10.79
C ASN A 415 -20.04 -13.53 -10.61
N GLN A 416 -21.32 -13.76 -10.30
CA GLN A 416 -22.14 -12.58 -10.04
C GLN A 416 -22.44 -12.58 -8.55
N VAL A 417 -21.89 -11.54 -7.90
CA VAL A 417 -22.04 -11.50 -6.44
C VAL A 417 -22.48 -10.13 -5.91
N ALA A 418 -22.94 -10.13 -4.66
CA ALA A 418 -23.34 -8.84 -4.10
C ALA A 418 -23.37 -8.91 -2.59
N PHE A 419 -23.15 -7.76 -1.93
CA PHE A 419 -23.31 -7.82 -0.47
C PHE A 419 -23.57 -6.42 0.09
N GLY A 420 -24.06 -6.37 1.31
CA GLY A 420 -24.28 -5.09 1.96
C GLY A 420 -23.38 -4.79 3.13
N ARG A 421 -23.38 -3.51 3.46
CA ARG A 421 -22.64 -3.17 4.65
C ARG A 421 -23.66 -2.51 5.55
N GLY A 422 -24.35 -3.36 6.30
CA GLY A 422 -25.41 -2.92 7.21
C GLY A 422 -26.48 -2.15 6.47
N ASN A 423 -26.86 -1.03 7.06
CA ASN A 423 -27.86 -0.25 6.35
C ASN A 423 -27.25 0.97 5.66
N ARG A 424 -25.93 0.91 5.39
CA ARG A 424 -25.36 2.12 4.81
C ARG A 424 -24.69 1.94 3.45
N GLY A 425 -24.56 0.70 2.97
CA GLY A 425 -23.97 0.46 1.66
C GLY A 425 -24.34 -0.86 1.01
N PHE A 426 -24.26 -0.87 -0.32
CA PHE A 426 -24.54 -2.13 -1.01
C PHE A 426 -23.73 -2.14 -2.32
N ILE A 427 -23.22 -3.33 -2.68
CA ILE A 427 -22.41 -3.33 -3.90
C ILE A 427 -22.68 -4.61 -4.71
N VAL A 428 -22.64 -4.47 -6.05
CA VAL A 428 -22.94 -5.67 -6.87
C VAL A 428 -21.88 -5.84 -7.96
N PHE A 429 -21.43 -7.08 -8.16
CA PHE A 429 -20.41 -7.27 -9.19
C PHE A 429 -20.82 -8.26 -10.25
N ASN A 430 -20.45 -7.98 -11.51
CA ASN A 430 -20.78 -8.99 -12.51
C ASN A 430 -19.52 -9.37 -13.27
N ASN A 431 -18.93 -10.50 -12.88
CA ASN A 431 -17.73 -10.88 -13.65
C ASN A 431 -18.01 -12.13 -14.51
N ASP A 432 -19.30 -12.40 -14.73
CA ASP A 432 -19.58 -13.54 -15.62
C ASP A 432 -19.64 -13.07 -17.08
N ASP A 433 -19.70 -14.04 -18.00
CA ASP A 433 -19.72 -13.56 -19.39
C ASP A 433 -21.13 -13.33 -19.97
N TRP A 434 -22.04 -12.96 -19.06
CA TRP A 434 -23.39 -12.66 -19.53
C TRP A 434 -23.93 -11.53 -18.63
N SER A 435 -25.03 -10.90 -19.05
CA SER A 435 -25.46 -9.77 -18.20
C SER A 435 -26.13 -10.15 -16.88
N PHE A 436 -26.15 -9.18 -15.96
CA PHE A 436 -26.80 -9.49 -14.69
C PHE A 436 -28.06 -8.64 -14.58
N SER A 437 -29.19 -9.26 -14.24
CA SER A 437 -30.37 -8.38 -14.10
C SER A 437 -31.31 -9.00 -13.07
N LEU A 438 -31.22 -8.50 -11.84
CA LEU A 438 -32.05 -9.18 -10.82
C LEU A 438 -32.41 -8.23 -9.66
N THR A 439 -33.47 -8.60 -8.94
CA THR A 439 -33.80 -7.76 -7.78
C THR A 439 -33.18 -8.37 -6.52
N LEU A 440 -32.41 -7.54 -5.80
CA LEU A 440 -31.75 -8.13 -4.62
C LEU A 440 -32.13 -7.46 -3.31
N GLN A 441 -31.94 -8.20 -2.21
CA GLN A 441 -32.25 -7.53 -0.94
C GLN A 441 -31.07 -6.75 -0.40
N THR A 442 -31.33 -5.47 -0.15
CA THR A 442 -30.27 -4.68 0.46
C THR A 442 -30.71 -4.41 1.91
N GLY A 443 -29.87 -3.72 2.68
CA GLY A 443 -30.25 -3.37 4.03
C GLY A 443 -30.50 -1.89 3.99
N LEU A 444 -30.64 -1.38 2.77
CA LEU A 444 -30.81 0.07 2.69
C LEU A 444 -32.26 0.53 2.72
N PRO A 445 -32.51 1.76 3.23
CA PRO A 445 -33.90 2.27 3.26
C PRO A 445 -34.39 2.76 1.87
N ALA A 446 -35.73 2.82 1.72
CA ALA A 446 -36.28 3.27 0.43
C ALA A 446 -35.71 4.59 -0.07
N GLY A 447 -35.58 4.71 -1.39
CA GLY A 447 -35.09 5.94 -1.96
C GLY A 447 -34.36 5.80 -3.28
N THR A 448 -33.93 6.95 -3.80
CA THR A 448 -33.18 6.87 -5.06
C THR A 448 -31.68 7.03 -4.78
N TYR A 449 -30.88 6.13 -5.33
CA TYR A 449 -29.47 6.27 -4.98
C TYR A 449 -28.58 6.35 -6.22
N CYS A 450 -27.51 7.13 -6.08
CA CYS A 450 -26.61 7.18 -7.23
C CYS A 450 -25.56 6.09 -7.22
N ASP A 451 -25.38 5.47 -8.39
CA ASP A 451 -24.28 4.51 -8.45
C ASP A 451 -22.99 5.34 -8.47
N VAL A 452 -22.10 5.01 -7.54
CA VAL A 452 -20.87 5.83 -7.52
C VAL A 452 -19.74 5.28 -8.40
N ILE A 453 -20.04 4.18 -9.11
CA ILE A 453 -18.99 3.68 -9.99
C ILE A 453 -19.17 4.33 -11.36
N SER A 454 -20.43 4.32 -11.83
CA SER A 454 -20.65 4.95 -13.15
C SER A 454 -20.83 6.49 -13.08
N GLY A 455 -21.07 7.03 -11.89
CA GLY A 455 -21.25 8.47 -11.80
C GLY A 455 -20.96 9.09 -10.45
N ASP A 456 -21.52 10.29 -10.27
CA ASP A 456 -21.29 11.00 -8.99
C ASP A 456 -22.58 11.59 -8.47
N LYS A 457 -22.56 11.99 -7.19
CA LYS A 457 -23.78 12.66 -6.76
C LYS A 457 -23.47 14.15 -6.78
N ILE A 458 -23.98 14.81 -7.82
CA ILE A 458 -23.67 16.23 -7.85
C ILE A 458 -24.95 17.04 -7.75
N ASN A 459 -24.95 17.91 -6.73
CA ASN A 459 -26.09 18.83 -6.55
C ASN A 459 -27.50 18.19 -6.58
N GLY A 460 -27.79 17.32 -5.60
CA GLY A 460 -29.09 16.66 -5.55
C GLY A 460 -29.43 15.72 -6.71
N ASN A 461 -28.44 15.46 -7.59
CA ASN A 461 -28.81 14.55 -8.67
C ASN A 461 -27.64 13.61 -9.02
N CYS A 462 -27.92 12.57 -9.83
CA CYS A 462 -26.80 11.66 -10.14
C CYS A 462 -26.26 11.82 -11.56
N THR A 463 -24.95 11.58 -11.73
CA THR A 463 -24.46 11.72 -13.11
C THR A 463 -24.49 10.40 -13.90
N GLY A 464 -24.58 9.25 -13.23
CA GLY A 464 -24.61 7.97 -13.93
C GLY A 464 -25.88 7.18 -13.62
N ILE A 465 -25.70 5.87 -13.42
CA ILE A 465 -26.87 5.01 -13.09
C ILE A 465 -27.54 5.37 -11.75
N LYS A 466 -28.88 5.28 -11.77
CA LYS A 466 -29.60 5.53 -10.52
C LYS A 466 -30.22 4.18 -10.10
N ILE A 467 -30.24 3.93 -8.78
CA ILE A 467 -30.82 2.66 -8.33
C ILE A 467 -32.03 2.97 -7.43
N TYR A 468 -33.12 2.23 -7.65
CA TYR A 468 -34.27 2.57 -6.78
C TYR A 468 -34.50 1.50 -5.73
N VAL A 469 -34.46 1.93 -4.47
CA VAL A 469 -34.68 0.93 -3.43
C VAL A 469 -36.13 1.01 -2.95
N SER A 470 -36.78 -0.15 -2.84
CA SER A 470 -38.18 -0.04 -2.38
C SER A 470 -38.33 -0.02 -0.84
N ASP A 471 -39.59 0.10 -0.37
CA ASP A 471 -39.79 0.17 1.10
C ASP A 471 -39.20 -1.01 1.90
N ASP A 472 -39.24 -2.20 1.30
CA ASP A 472 -38.66 -3.31 2.06
C ASP A 472 -37.17 -3.56 1.70
N GLY A 473 -36.50 -2.51 1.22
CA GLY A 473 -35.08 -2.57 0.91
C GLY A 473 -34.65 -3.38 -0.30
N LYS A 474 -35.62 -3.67 -1.18
CA LYS A 474 -35.19 -4.46 -2.33
C LYS A 474 -34.84 -3.54 -3.53
N ALA A 475 -33.89 -3.99 -4.37
CA ALA A 475 -33.59 -3.08 -5.49
C ALA A 475 -33.19 -3.84 -6.73
N HIS A 476 -33.57 -3.28 -7.88
CA HIS A 476 -33.16 -3.97 -9.10
C HIS A 476 -31.81 -3.45 -9.59
N PHE A 477 -30.99 -4.41 -10.00
CA PHE A 477 -29.68 -3.98 -10.53
C PHE A 477 -29.48 -4.59 -11.90
N SER A 478 -29.06 -3.76 -12.85
CA SER A 478 -28.79 -4.39 -14.15
C SER A 478 -27.34 -4.07 -14.55
N ILE A 479 -26.56 -5.15 -14.79
CA ILE A 479 -25.17 -4.85 -15.17
C ILE A 479 -24.77 -5.66 -16.40
N SER A 480 -24.41 -4.93 -17.45
CA SER A 480 -23.97 -5.65 -18.64
C SER A 480 -22.51 -6.17 -18.47
N ASN A 481 -22.23 -7.37 -19.02
CA ASN A 481 -20.82 -7.78 -18.90
C ASN A 481 -19.92 -6.97 -19.84
N SER A 482 -20.56 -6.21 -20.73
CA SER A 482 -19.74 -5.37 -21.63
C SER A 482 -19.53 -3.95 -21.10
N ALA A 483 -19.98 -3.71 -19.86
CA ALA A 483 -19.74 -2.35 -19.35
C ALA A 483 -18.26 -2.14 -19.00
N GLU A 484 -17.83 -0.87 -19.02
CA GLU A 484 -16.40 -0.69 -18.69
C GLU A 484 -16.15 -1.04 -17.23
N ASP A 485 -17.16 -0.75 -16.40
CA ASP A 485 -16.99 -1.17 -15.01
C ASP A 485 -18.20 -2.02 -14.69
N PRO A 486 -18.04 -3.36 -14.73
CA PRO A 486 -19.19 -4.22 -14.43
C PRO A 486 -19.57 -4.39 -12.97
N PHE A 487 -19.69 -3.23 -12.30
CA PHE A 487 -20.12 -3.29 -10.91
C PHE A 487 -20.79 -1.98 -10.51
N ILE A 488 -21.69 -2.10 -9.52
CA ILE A 488 -22.43 -0.91 -9.08
C ILE A 488 -22.32 -0.79 -7.56
N ALA A 489 -22.14 0.45 -7.09
CA ALA A 489 -22.04 0.60 -5.64
C ALA A 489 -22.88 1.78 -5.19
N ILE A 490 -23.69 1.53 -4.14
CA ILE A 490 -24.51 2.64 -3.64
C ILE A 490 -24.36 2.75 -2.11
N HIS A 491 -24.50 3.97 -1.58
CA HIS A 491 -24.36 4.06 -0.12
C HIS A 491 -25.24 5.17 0.46
N ALA A 492 -25.19 5.29 1.79
CA ALA A 492 -26.06 6.30 2.42
C ALA A 492 -25.80 7.73 1.98
N GLU A 493 -24.56 8.03 1.60
CA GLU A 493 -24.36 9.43 1.20
C GLU A 493 -24.55 9.66 -0.30
N SER A 494 -24.85 8.57 -1.03
CA SER A 494 -25.10 8.83 -2.45
C SER A 494 -26.61 8.77 -2.73
N LYS A 495 -27.35 8.72 -1.61
CA LYS A 495 -28.81 8.74 -1.72
C LYS A 495 -29.29 10.17 -2.03
N LEU A 496 -30.39 10.27 -2.79
CA LEU A 496 -30.89 11.65 -3.05
C LEU A 496 -31.96 12.02 -2.00
#